data_3EY1
#
_entry.id   3EY1
#
_cell.length_a   81.930
_cell.length_b   66.620
_cell.length_c   38.770
_cell.angle_alpha   90.00
_cell.angle_beta   103.30
_cell.angle_gamma   90.00
#
_symmetry.space_group_name_H-M   'C 1 2 1'
#
loop_
_entity.id
_entity.type
_entity.pdbx_description
1 polymer 'Ribonuclease H'
2 polymer "5'-D(*CP*GP*CP*GP*AP*AP*(USM)P*(USM)P*CP*GP*CP*G)-3'"
3 non-polymer GLYCEROL
4 water water
#
loop_
_entity_poly.entity_id
_entity_poly.type
_entity_poly.pdbx_seq_one_letter_code
_entity_poly.pdbx_strand_id
1 'polypeptide(L)'
;AKEEIIWESLSVDVGSQGNPGIVEYKGVDTKTGEVLFEREPIPIGTNNMGEFLAIVHGLRYLKERNSRKPIYSNSQTAIK
WVKDKKAKSTLVRNEETALIWKLVDEAEEWLNTHTYETPILKWQTDKWGEIKADYGRK
;
A
2 'polydeoxyribonucleotide' (DC)(DG)(DC)(DG)(DA)(DA)(USM)(USM)(DC)(DG)(DC)(DG) B
#
# COMPACT_ATOMS: atom_id res chain seq x y z
N ALA A 1 5.08 -12.17 -21.31
CA ALA A 1 5.75 -13.32 -20.71
C ALA A 1 4.82 -13.98 -19.69
N LYS A 2 4.07 -14.96 -20.15
CA LYS A 2 2.97 -15.56 -19.40
C LYS A 2 3.39 -16.38 -18.20
N GLU A 3 4.08 -15.75 -17.25
CA GLU A 3 4.34 -16.40 -15.96
C GLU A 3 3.47 -15.70 -14.89
N GLU A 4 2.58 -16.46 -14.29
CA GLU A 4 1.54 -16.05 -13.37
C GLU A 4 2.03 -14.91 -12.47
N ILE A 5 2.82 -15.30 -11.48
CA ILE A 5 3.34 -14.39 -10.46
C ILE A 5 4.72 -13.87 -10.84
N ILE A 6 4.91 -12.56 -10.63
CA ILE A 6 6.24 -12.00 -10.77
C ILE A 6 6.90 -11.95 -9.40
N TRP A 7 7.75 -12.95 -9.12
CA TRP A 7 8.33 -13.06 -7.79
C TRP A 7 9.29 -11.92 -7.44
N GLU A 8 9.99 -11.40 -8.45
CA GLU A 8 10.87 -10.28 -8.19
C GLU A 8 9.98 -9.03 -8.17
N SER A 9 9.33 -8.88 -7.00
CA SER A 9 8.41 -7.78 -6.82
C SER A 9 8.37 -7.37 -5.35
N LEU A 10 7.62 -6.32 -5.12
CA LEU A 10 7.35 -5.77 -3.79
C LEU A 10 5.87 -6.00 -3.44
N SER A 11 5.64 -6.62 -2.30
CA SER A 11 4.30 -6.88 -1.80
C SER A 11 4.00 -5.95 -0.63
N VAL A 12 2.89 -5.23 -0.66
CA VAL A 12 2.60 -4.29 0.42
C VAL A 12 1.29 -4.69 1.11
N ASP A 13 1.20 -4.48 2.42
CA ASP A 13 -0.11 -4.78 3.04
C ASP A 13 -0.24 -3.95 4.32
N VAL A 14 -1.50 -3.83 4.70
CA VAL A 14 -1.91 -3.09 5.88
C VAL A 14 -2.28 -4.04 7.00
N GLY A 15 -2.12 -3.59 8.22
CA GLY A 15 -2.55 -4.34 9.40
C GLY A 15 -3.60 -3.47 10.10
N SER A 16 -4.72 -4.08 10.45
CA SER A 16 -5.85 -3.41 11.03
C SER A 16 -6.38 -3.95 12.37
N GLN A 17 -7.54 -4.46 12.12
CA GLN A 17 -8.64 -5.07 12.84
C GLN A 17 -9.75 -4.03 12.97
N GLY A 18 -9.96 -3.51 14.16
CA GLY A 18 -10.99 -2.50 14.36
C GLY A 18 -10.73 -1.35 13.38
N ASN A 19 -11.81 -1.03 12.68
CA ASN A 19 -11.76 -0.19 11.48
C ASN A 19 -12.91 0.81 11.48
N PRO A 20 -12.74 2.11 11.67
CA PRO A 20 -11.45 2.80 11.82
C PRO A 20 -10.78 2.45 13.16
N GLY A 21 -9.46 2.62 13.23
CA GLY A 21 -8.74 2.19 14.41
C GLY A 21 -7.25 2.25 14.09
N ILE A 22 -6.48 1.52 14.88
CA ILE A 22 -5.04 1.48 14.65
C ILE A 22 -4.71 0.84 13.31
N VAL A 23 -3.80 1.48 12.59
CA VAL A 23 -3.35 0.90 11.32
C VAL A 23 -1.84 1.04 11.20
N GLU A 24 -1.24 0.05 10.57
CA GLU A 24 0.18 -0.02 10.26
C GLU A 24 0.30 -0.64 8.86
N TYR A 25 1.45 -0.53 8.22
CA TYR A 25 1.65 -1.18 6.92
C TYR A 25 3.12 -1.58 6.79
N LYS A 26 3.38 -2.41 5.80
CA LYS A 26 4.75 -2.73 5.45
C LYS A 26 4.83 -3.18 3.98
N GLY A 27 6.09 -3.21 3.54
CA GLY A 27 6.46 -3.66 2.21
C GLY A 27 7.53 -4.73 2.36
N VAL A 28 7.31 -5.84 1.68
CA VAL A 28 8.26 -6.97 1.77
C VAL A 28 8.67 -7.44 0.39
N ASP A 29 9.85 -8.04 0.29
CA ASP A 29 10.24 -8.71 -0.95
C ASP A 29 9.32 -9.91 -1.12
N THR A 30 8.55 -9.98 -2.18
CA THR A 30 7.64 -11.07 -2.43
C THR A 30 8.25 -12.47 -2.40
N LYS A 31 9.43 -12.57 -2.98
CA LYS A 31 10.16 -13.84 -3.13
C LYS A 31 10.73 -14.31 -1.81
N THR A 32 11.37 -13.34 -1.14
CA THR A 32 12.18 -13.61 0.05
C THR A 32 11.43 -13.30 1.34
N GLY A 33 10.46 -12.39 1.25
CA GLY A 33 9.68 -12.01 2.40
C GLY A 33 10.39 -10.97 3.23
N GLU A 34 11.61 -10.58 2.83
CA GLU A 34 12.28 -9.62 3.74
C GLU A 34 11.54 -8.28 3.71
N VAL A 35 11.47 -7.69 4.90
CA VAL A 35 10.72 -6.44 5.06
C VAL A 35 11.55 -5.27 4.56
N LEU A 36 11.07 -4.48 3.60
CA LEU A 36 11.94 -3.48 3.00
C LEU A 36 11.63 -2.09 3.54
N PHE A 37 10.46 -1.93 4.12
CA PHE A 37 10.00 -0.76 4.85
C PHE A 37 8.79 -1.13 5.73
N GLU A 38 8.61 -0.34 6.79
CA GLU A 38 7.45 -0.57 7.65
C GLU A 38 7.08 0.72 8.38
N ARG A 39 5.79 0.93 8.57
CA ARG A 39 5.26 2.07 9.29
C ARG A 39 4.63 1.62 10.62
N GLU A 40 5.13 2.17 11.72
CA GLU A 40 4.67 1.84 13.07
C GLU A 40 3.18 2.21 13.16
N PRO A 41 2.42 1.60 14.07
CA PRO A 41 0.98 1.86 14.11
C PRO A 41 0.68 3.35 14.26
N ILE A 42 -0.36 3.73 13.55
CA ILE A 42 -0.98 5.04 13.57
C ILE A 42 -2.27 4.82 14.33
N PRO A 43 -2.48 5.61 15.37
CA PRO A 43 -3.57 5.31 16.28
C PRO A 43 -4.93 5.27 15.57
N ILE A 44 -5.20 6.17 14.62
CA ILE A 44 -6.50 6.17 13.97
C ILE A 44 -6.35 6.36 12.45
N GLY A 45 -6.87 5.36 11.74
CA GLY A 45 -6.99 5.38 10.30
C GLY A 45 -8.01 4.37 9.82
N THR A 46 -8.03 4.10 8.52
CA THR A 46 -8.86 3.00 8.03
C THR A 46 -7.94 2.01 7.31
N ASN A 47 -8.46 0.81 7.12
CA ASN A 47 -7.74 -0.17 6.31
C ASN A 47 -7.37 0.43 4.97
N ASN A 48 -8.35 1.03 4.30
CA ASN A 48 -8.07 1.47 2.93
C ASN A 48 -7.11 2.64 2.86
N MET A 49 -7.15 3.57 3.80
CA MET A 49 -6.13 4.62 3.84
C MET A 49 -4.75 4.04 4.12
N GLY A 50 -4.70 3.03 5.02
CA GLY A 50 -3.39 2.44 5.34
C GLY A 50 -2.76 1.80 4.13
N GLU A 51 -3.59 1.06 3.38
CA GLU A 51 -3.13 0.38 2.18
C GLU A 51 -2.80 1.36 1.07
N PHE A 52 -3.58 2.44 0.97
CA PHE A 52 -3.21 3.50 0.00
C PHE A 52 -1.81 4.01 0.26
N LEU A 53 -1.58 4.35 1.54
CA LEU A 53 -0.26 4.83 1.94
C LEU A 53 0.83 3.78 1.68
N ALA A 54 0.54 2.49 1.81
CA ALA A 54 1.52 1.43 1.67
C ALA A 54 1.96 1.38 0.20
N ILE A 55 0.99 1.51 -0.70
CA ILE A 55 1.31 1.47 -2.12
C ILE A 55 2.13 2.69 -2.55
N VAL A 56 1.74 3.86 -2.08
CA VAL A 56 2.48 5.07 -2.47
C VAL A 56 3.86 5.07 -1.81
N HIS A 57 3.98 4.60 -0.57
CA HIS A 57 5.31 4.35 0.00
C HIS A 57 6.16 3.47 -0.92
N GLY A 58 5.58 2.39 -1.39
CA GLY A 58 6.15 1.38 -2.27
C GLY A 58 6.66 2.02 -3.55
N LEU A 59 5.80 2.80 -4.18
CA LEU A 59 6.21 3.59 -5.35
C LEU A 59 7.42 4.48 -5.09
N ARG A 60 7.39 5.19 -3.96
CA ARG A 60 8.47 6.12 -3.63
C ARG A 60 9.77 5.39 -3.30
N TYR A 61 9.72 4.32 -2.53
CA TYR A 61 10.87 3.44 -2.28
C TYR A 61 11.51 2.91 -3.54
N LEU A 62 10.72 2.44 -4.52
CA LEU A 62 11.28 1.83 -5.71
C LEU A 62 11.90 2.86 -6.66
N LYS A 63 11.20 3.96 -6.75
CA LYS A 63 11.58 5.15 -7.51
C LYS A 63 12.93 5.65 -7.00
N GLU A 64 13.06 5.68 -5.68
CA GLU A 64 14.31 6.15 -5.09
C GLU A 64 15.47 5.35 -5.67
N ARG A 65 15.20 4.04 -5.66
CA ARG A 65 16.09 2.97 -6.00
C ARG A 65 16.17 2.69 -7.49
N ASN A 66 15.38 3.36 -8.31
CA ASN A 66 15.43 3.25 -9.77
C ASN A 66 14.83 1.96 -10.31
N SER A 67 14.38 1.08 -9.43
CA SER A 67 13.95 -0.29 -9.63
C SER A 67 12.67 -0.45 -10.42
N ARG A 68 12.66 -1.52 -11.20
CA ARG A 68 11.60 -1.87 -12.12
C ARG A 68 10.63 -2.92 -11.60
N LYS A 69 10.85 -3.38 -10.36
CA LYS A 69 9.95 -4.38 -9.78
C LYS A 69 8.53 -3.83 -9.64
N PRO A 70 7.52 -4.64 -9.94
CA PRO A 70 6.16 -4.19 -9.69
C PRO A 70 5.83 -4.31 -8.20
N ILE A 71 4.68 -3.75 -7.87
CA ILE A 71 4.13 -3.85 -6.53
C ILE A 71 2.85 -4.67 -6.57
N TYR A 72 2.66 -5.55 -5.58
CA TYR A 72 1.42 -6.29 -5.44
C TYR A 72 0.62 -5.83 -4.22
N SER A 73 -0.67 -5.67 -4.44
CA SER A 73 -1.62 -5.42 -3.35
C SER A 73 -2.82 -6.34 -3.48
N ASN A 74 -3.44 -6.78 -2.38
CA ASN A 74 -4.70 -7.53 -2.50
C ASN A 74 -5.94 -6.64 -2.42
N SER A 75 -5.77 -5.32 -2.45
CA SER A 75 -6.87 -4.38 -2.26
C SER A 75 -7.33 -3.72 -3.55
N GLN A 76 -8.50 -4.15 -4.03
CA GLN A 76 -9.15 -3.55 -5.18
C GLN A 76 -9.26 -2.06 -4.98
N THR A 77 -9.65 -1.68 -3.74
CA THR A 77 -9.89 -0.22 -3.69
C THR A 77 -8.58 0.55 -3.57
N ALA A 78 -7.57 0.11 -2.84
CA ALA A 78 -6.37 0.95 -2.74
C ALA A 78 -5.69 1.06 -4.10
N ILE A 79 -5.76 -0.04 -4.85
CA ILE A 79 -5.19 0.00 -6.20
C ILE A 79 -5.97 1.03 -7.01
N LYS A 80 -7.29 1.03 -6.90
CA LYS A 80 -8.05 2.00 -7.68
C LYS A 80 -7.73 3.42 -7.24
N TRP A 81 -7.58 3.60 -5.93
CA TRP A 81 -7.34 4.94 -5.43
C TRP A 81 -6.03 5.48 -6.00
N VAL A 82 -4.99 4.64 -5.99
CA VAL A 82 -3.68 5.05 -6.51
C VAL A 82 -3.77 5.35 -7.99
N LYS A 83 -4.44 4.49 -8.74
CA LYS A 83 -4.58 4.70 -10.16
C LYS A 83 -5.36 5.97 -10.40
N ASP A 84 -6.37 6.28 -9.57
CA ASP A 84 -7.11 7.52 -9.75
C ASP A 84 -6.40 8.75 -9.17
N LYS A 85 -5.32 8.52 -8.43
CA LYS A 85 -4.69 9.63 -7.73
C LYS A 85 -5.67 10.32 -6.80
N LYS A 86 -6.65 9.58 -6.30
CA LYS A 86 -7.57 10.17 -5.32
C LYS A 86 -8.07 9.09 -4.36
N ALA A 87 -7.76 9.32 -3.10
CA ALA A 87 -8.16 8.43 -2.01
C ALA A 87 -9.56 8.83 -1.54
N LYS A 88 -10.57 8.09 -1.97
CA LYS A 88 -11.95 8.43 -1.72
C LYS A 88 -12.45 7.92 -0.36
N SER A 89 -11.72 8.32 0.68
CA SER A 89 -12.02 7.85 2.01
C SER A 89 -13.22 8.57 2.62
N THR A 90 -14.02 7.90 3.42
CA THR A 90 -15.17 8.46 4.12
C THR A 90 -14.78 8.89 5.53
N LEU A 91 -13.52 8.62 5.91
CA LEU A 91 -13.14 8.99 7.26
C LEU A 91 -13.32 10.48 7.57
N VAL A 92 -14.05 10.79 8.63
CA VAL A 92 -14.16 12.13 9.17
C VAL A 92 -12.78 12.81 9.33
N ARG A 93 -12.77 14.11 9.04
CA ARG A 93 -11.67 15.00 9.29
C ARG A 93 -11.85 15.73 10.63
N ASN A 94 -11.09 15.28 11.62
CA ASN A 94 -11.13 15.92 12.94
C ASN A 94 -9.76 15.79 13.58
N GLU A 95 -9.61 16.11 14.87
CA GLU A 95 -8.27 16.14 15.44
C GLU A 95 -7.59 14.79 15.48
N GLU A 96 -8.40 13.77 15.75
CA GLU A 96 -7.86 12.42 15.92
C GLU A 96 -7.47 11.81 14.58
N THR A 97 -8.05 12.31 13.47
CA THR A 97 -7.72 11.72 12.17
C THR A 97 -6.77 12.64 11.38
N ALA A 98 -6.38 13.77 11.97
CA ALA A 98 -5.55 14.72 11.24
C ALA A 98 -4.28 14.11 10.68
N LEU A 99 -3.68 13.20 11.47
CA LEU A 99 -2.38 12.70 10.99
C LEU A 99 -2.57 11.81 9.75
N ILE A 100 -3.51 10.88 9.84
CA ILE A 100 -3.69 9.97 8.71
C ILE A 100 -4.11 10.78 7.48
N TRP A 101 -4.98 11.76 7.66
CA TRP A 101 -5.38 12.60 6.55
C TRP A 101 -4.21 13.41 6.02
N LYS A 102 -3.31 13.92 6.87
CA LYS A 102 -2.16 14.66 6.35
C LYS A 102 -1.33 13.73 5.46
N LEU A 103 -1.12 12.50 5.93
CA LEU A 103 -0.29 11.55 5.16
C LEU A 103 -0.94 11.20 3.82
N VAL A 104 -2.25 10.97 3.84
CA VAL A 104 -3.00 10.64 2.62
C VAL A 104 -2.96 11.81 1.65
N ASP A 105 -3.20 13.01 2.18
CA ASP A 105 -3.20 14.19 1.32
C ASP A 105 -1.82 14.32 0.69
N GLU A 106 -0.77 14.03 1.46
CA GLU A 106 0.56 14.29 0.89
C GLU A 106 0.91 13.19 -0.09
N ALA A 107 0.33 12.03 0.16
CA ALA A 107 0.54 10.90 -0.75
C ALA A 107 -0.10 11.20 -2.09
N GLU A 108 -1.32 11.80 -2.03
CA GLU A 108 -1.98 12.17 -3.28
C GLU A 108 -1.17 13.21 -4.05
N GLU A 109 -0.67 14.18 -3.29
CA GLU A 109 0.17 15.24 -3.84
C GLU A 109 1.37 14.61 -4.54
N TRP A 110 1.98 13.63 -3.88
CA TRP A 110 3.12 12.98 -4.50
C TRP A 110 2.73 12.43 -5.88
N LEU A 111 1.68 11.62 -5.92
CA LEU A 111 1.21 10.98 -7.13
C LEU A 111 0.96 11.96 -8.27
N ASN A 112 0.34 13.10 -7.94
CA ASN A 112 0.01 14.09 -8.95
C ASN A 112 1.19 14.99 -9.30
N THR A 113 2.36 14.74 -8.69
CA THR A 113 3.53 15.58 -8.99
C THR A 113 4.73 14.75 -9.43
N HIS A 114 4.59 13.44 -9.59
CA HIS A 114 5.71 12.60 -10.00
C HIS A 114 5.28 11.59 -11.05
N THR A 115 6.22 11.19 -11.88
CA THR A 115 5.99 10.18 -12.90
C THR A 115 6.42 8.82 -12.37
N TYR A 116 5.78 7.73 -12.80
CA TYR A 116 6.33 6.43 -12.42
C TYR A 116 5.80 5.40 -13.40
N GLU A 117 6.49 4.26 -13.49
CA GLU A 117 6.08 3.21 -14.42
C GLU A 117 5.90 1.86 -13.73
N THR A 118 6.15 1.85 -12.42
CA THR A 118 5.91 0.67 -11.58
C THR A 118 4.52 0.12 -11.88
N PRO A 119 4.39 -1.08 -12.42
CA PRO A 119 3.09 -1.75 -12.43
C PRO A 119 2.60 -2.00 -11.00
N ILE A 120 1.33 -1.73 -10.80
CA ILE A 120 0.66 -2.04 -9.53
C ILE A 120 -0.32 -3.16 -9.85
N LEU A 121 -0.11 -4.32 -9.25
CA LEU A 121 -0.78 -5.54 -9.67
C LEU A 121 -1.64 -6.11 -8.57
N LYS A 122 -2.77 -6.71 -8.93
CA LYS A 122 -3.67 -7.33 -7.98
C LYS A 122 -3.19 -8.73 -7.62
N TRP A 123 -2.89 -8.89 -6.34
CA TRP A 123 -2.54 -10.17 -5.74
C TRP A 123 -3.80 -11.02 -5.60
N GLN A 124 -3.75 -12.20 -6.19
CA GLN A 124 -4.89 -13.10 -6.20
C GLN A 124 -4.85 -14.12 -5.08
N THR A 125 -5.37 -13.70 -3.92
CA THR A 125 -5.32 -14.56 -2.74
C THR A 125 -5.91 -15.95 -2.95
N ASP A 126 -7.02 -16.02 -3.68
CA ASP A 126 -7.75 -17.28 -3.80
C ASP A 126 -6.99 -18.27 -4.68
N LYS A 127 -5.94 -17.82 -5.35
CA LYS A 127 -5.11 -18.76 -6.11
C LYS A 127 -3.68 -18.83 -5.61
N TRP A 128 -3.17 -17.77 -5.00
CA TRP A 128 -1.74 -17.76 -4.68
C TRP A 128 -1.42 -17.71 -3.19
N GLY A 129 -2.41 -17.89 -2.34
CA GLY A 129 -2.26 -17.85 -0.88
C GLY A 129 -2.25 -16.41 -0.38
N GLU A 130 -2.10 -16.23 0.92
CA GLU A 130 -1.98 -14.91 1.52
C GLU A 130 -0.86 -14.06 0.91
N ILE A 131 -1.13 -12.76 0.77
CA ILE A 131 -0.03 -11.88 0.36
C ILE A 131 1.13 -11.98 1.36
N LYS A 132 2.38 -11.93 0.87
CA LYS A 132 3.50 -12.15 1.82
C LYS A 132 3.60 -11.09 2.92
N ALA A 133 3.21 -9.87 2.63
CA ALA A 133 3.12 -8.71 3.50
C ALA A 133 1.96 -8.80 4.49
N ASP A 134 1.24 -9.93 4.55
CA ASP A 134 0.07 -10.05 5.44
C ASP A 134 0.52 -10.09 6.91
N TYR A 135 -0.21 -9.33 7.74
CA TYR A 135 0.09 -9.26 9.17
C TYR A 135 -0.40 -10.46 9.96
N GLY A 136 -1.67 -10.76 10.07
CA GLY A 136 -2.88 -10.27 9.48
C GLY A 136 -4.05 -11.14 9.93
N ARG A 137 -3.73 -12.09 10.79
CA ARG A 137 -4.60 -12.99 11.50
C ARG A 137 -3.70 -13.93 12.33
#